data_3EQA
#
_entry.id   3EQA
#
_cell.length_a   57.826
_cell.length_b   73.222
_cell.length_c   106.793
_cell.angle_alpha   90.00
_cell.angle_beta   90.00
_cell.angle_gamma   90.00
#
_symmetry.space_group_name_H-M   'P 21 21 21'
#
loop_
_entity.id
_entity.type
_entity.pdbx_description
1 polymer Glucoamylase
2 branched alpha-D-mannopyranose-(1-3)-beta-D-mannopyranose-(1-4)-2-acetamido-2-deoxy-beta-D-glucopyranose-(1-4)-2-acetamido-2-deoxy-beta-D-glucopyranose
3 branched alpha-D-mannopyranose-(1-2)-alpha-D-mannopyranose-(1-2)-alpha-D-mannopyranose-(1-3)-[alpha-D-mannopyranose-(1-3)-alpha-D-mannopyranose-(1-6)]beta-D-mannopyranose-(1-4)-2-acetamido-2-deoxy-beta-D-glucopyranose-(1-4)-2-acetamido-2-deoxy-beta-D-glucopyranose
4 non-polymer alpha-D-mannopyranose
5 non-polymer 2-AMINO-2-HYDROXYMETHYL-PROPANE-1,3-DIOL
6 non-polymer GLYCEROL
7 water water
#
_entity_poly.entity_id   1
_entity_poly.type   'polypeptide(L)'
_entity_poly.pdbx_seq_one_letter_code
;ATLDSWLSNEATVARTAILNNIGADGAWVSGADSGIVVASPSTDNPDYFYTWTRDSGLVLKTLVDLFRNGDTSLLSTIEN
YISAQAIVQGISNPSGDLSSGAGLGEPKFNVDETAYTGSWGRPQRDGPALRATAMIGFGQWLLDNGYTSTATDIVWPLVR
NDLSYVAQYWNQTGYDLWEEVNGSSFFTIAVQHRALVEGSAFATAVGSSCSWCDSQAPEILCYLQSFWTGSFILANFDSS
RSGKDANTLLGSIHTFDPEAACDDSTFQPCSPRALANHKEVVDSFRSIYTLNDGLSDSEAVAVGRYPEDTYYNGNPWFLC
TLAAAEQLYDALYQWDKQGSLEVTDVSLDFFKALYSDAATGTYSSSSSTYSSIVDAVKTFADGFVSIVETHAASNGSMSE
QYDKSDGEQLSARDLTWSYAALLTANNRRNSVVPASWGETSASSVPGTCAATSAIGTYSSVTVTSWPSIV
;
_entity_poly.pdbx_strand_id   A
#
# COMPACT_ATOMS: atom_id res chain seq x y z
N TRP A 6 -23.30 4.58 5.24
CA TRP A 6 -22.78 3.18 5.17
C TRP A 6 -21.30 3.11 5.56
N LEU A 7 -20.50 4.07 5.10
CA LEU A 7 -19.07 4.10 5.37
C LEU A 7 -18.75 4.05 6.87
N SER A 8 -19.41 4.91 7.63
CA SER A 8 -19.28 4.96 9.08
C SER A 8 -19.51 3.60 9.75
N ASN A 9 -20.65 2.96 9.45
CA ASN A 9 -20.96 1.63 10.00
C ASN A 9 -20.07 0.52 9.45
N GLU A 10 -19.63 0.67 8.20
CA GLU A 10 -18.76 -0.32 7.60
C GLU A 10 -17.36 -0.26 8.21
N ALA A 11 -16.89 0.96 8.50
CA ALA A 11 -15.61 1.16 9.15
C ALA A 11 -15.62 0.51 10.53
N THR A 12 -16.78 0.55 11.19
CA THR A 12 -16.95 -0.13 12.48
C THR A 12 -16.71 -1.63 12.34
N VAL A 13 -17.36 -2.23 11.34
CA VAL A 13 -17.20 -3.66 11.08
C VAL A 13 -15.74 -3.96 10.72
N ALA A 14 -15.16 -3.09 9.88
CA ALA A 14 -13.77 -3.25 9.41
C ALA A 14 -12.76 -3.39 10.54
N ARG A 15 -12.87 -2.53 11.56
CA ARG A 15 -11.89 -2.56 12.66
C ARG A 15 -11.94 -3.89 13.40
N THR A 16 -13.15 -4.33 13.71
CA THR A 16 -13.36 -5.54 14.49
C THR A 16 -13.01 -6.78 13.67
N ALA A 17 -13.35 -6.75 12.38
CA ALA A 17 -13.05 -7.84 11.45
C ALA A 17 -11.55 -8.10 11.36
N ILE A 18 -10.77 -7.02 11.27
CA ILE A 18 -9.30 -7.10 11.26
C ILE A 18 -8.79 -7.79 12.53
N LEU A 19 -9.24 -7.31 13.69
CA LEU A 19 -8.84 -7.93 14.96
C LEU A 19 -9.28 -9.40 15.03
N ASN A 20 -10.41 -9.74 14.45
CA ASN A 20 -10.84 -11.15 14.37
C ASN A 20 -9.85 -12.02 13.57
N ASN A 21 -9.03 -11.38 12.74
CA ASN A 21 -8.05 -12.08 11.91
C ASN A 21 -6.64 -12.01 12.46
N ILE A 22 -6.48 -11.49 13.67
CA ILE A 22 -5.15 -11.41 14.26
C ILE A 22 -5.06 -12.33 15.48
N GLY A 23 -4.02 -13.16 15.53
CA GLY A 23 -3.76 -14.05 16.67
C GLY A 23 -3.27 -13.28 17.89
N ALA A 24 -3.34 -13.87 19.09
CA ALA A 24 -3.78 -15.26 19.31
C ALA A 24 -5.30 -15.40 19.50
N ASP A 25 -5.97 -14.29 19.79
CA ASP A 25 -7.35 -14.35 20.28
C ASP A 25 -8.41 -13.84 19.31
N GLY A 26 -8.00 -13.55 18.07
CA GLY A 26 -8.96 -13.17 17.03
C GLY A 26 -9.92 -14.31 16.77
N ALA A 27 -11.23 -14.02 16.82
CA ALA A 27 -12.28 -15.06 16.80
C ALA A 27 -12.24 -15.99 15.60
N TRP A 28 -11.74 -15.49 14.47
CA TRP A 28 -11.75 -16.28 13.23
C TRP A 28 -10.45 -17.07 12.99
N VAL A 29 -9.45 -16.90 13.85
CA VAL A 29 -8.11 -17.45 13.56
C VAL A 29 -7.43 -18.20 14.72
N SER A 30 -8.21 -18.97 15.49
CA SER A 30 -7.62 -19.84 16.52
C SER A 30 -6.53 -20.69 15.87
N GLY A 31 -5.37 -20.77 16.54
CA GLY A 31 -4.21 -21.48 15.99
C GLY A 31 -3.11 -20.50 15.60
N ALA A 32 -3.50 -19.27 15.24
CA ALA A 32 -2.54 -18.23 14.90
C ALA A 32 -1.83 -17.67 16.14
N ASP A 33 -0.50 -17.50 16.06
CA ASP A 33 0.28 -16.99 17.19
C ASP A 33 -0.04 -15.51 17.50
N SER A 34 0.37 -15.05 18.68
CA SER A 34 0.14 -13.67 19.10
C SER A 34 0.84 -12.68 18.17
N GLY A 35 0.08 -11.73 17.64
CA GLY A 35 0.64 -10.69 16.79
C GLY A 35 0.73 -11.10 15.33
N ILE A 36 0.19 -12.28 15.02
CA ILE A 36 0.19 -12.80 13.64
C ILE A 36 -1.12 -12.45 12.92
N VAL A 37 -0.98 -11.62 11.89
CA VAL A 37 -2.09 -11.26 11.00
C VAL A 37 -2.28 -12.34 9.91
N VAL A 38 -3.44 -13.00 9.94
CA VAL A 38 -3.79 -13.98 8.90
C VAL A 38 -4.50 -13.25 7.78
N ALA A 39 -4.17 -13.60 6.54
CA ALA A 39 -4.74 -12.89 5.38
C ALA A 39 -6.26 -13.06 5.27
N SER A 40 -6.75 -14.26 5.62
CA SER A 40 -8.16 -14.58 5.62
C SER A 40 -8.34 -15.89 6.41
N PRO A 41 -9.48 -16.06 7.11
CA PRO A 41 -9.74 -17.30 7.86
C PRO A 41 -9.98 -18.53 6.96
N SER A 42 -10.09 -18.32 5.66
CA SER A 42 -10.34 -19.39 4.69
C SER A 42 -9.15 -20.37 4.62
N THR A 43 -9.42 -21.65 4.91
CA THR A 43 -8.38 -22.68 4.90
C THR A 43 -8.46 -23.60 3.67
N ASP A 44 -9.46 -23.37 2.81
CA ASP A 44 -9.68 -24.19 1.63
C ASP A 44 -10.52 -23.41 0.64
N ASN A 45 -10.15 -23.52 -0.64
CA ASN A 45 -10.93 -22.96 -1.74
C ASN A 45 -11.29 -21.48 -1.62
N PRO A 46 -10.30 -20.59 -1.41
CA PRO A 46 -8.85 -20.83 -1.35
C PRO A 46 -8.28 -20.95 0.06
N ASP A 47 -7.06 -21.48 0.15
CA ASP A 47 -6.33 -21.58 1.41
C ASP A 47 -5.46 -20.33 1.67
N TYR A 48 -6.00 -19.37 2.42
CA TYR A 48 -5.29 -18.13 2.76
C TYR A 48 -4.92 -18.08 4.23
N PHE A 49 -5.03 -19.23 4.90
CA PHE A 49 -4.74 -19.33 6.33
C PHE A 49 -3.21 -19.34 6.57
N TYR A 50 -2.60 -18.21 6.21
CA TYR A 50 -1.17 -17.98 6.34
C TYR A 50 -0.95 -16.52 6.70
N THR A 51 0.26 -16.17 7.09
CA THR A 51 0.59 -14.78 7.33
C THR A 51 1.56 -14.27 6.25
N TRP A 52 1.17 -13.22 5.54
CA TRP A 52 2.03 -12.59 4.56
C TRP A 52 2.68 -11.36 5.16
N THR A 53 3.95 -11.15 4.88
CA THR A 53 4.64 -9.99 5.41
C THR A 53 4.05 -8.68 4.86
N ARG A 54 3.69 -8.66 3.58
CA ARG A 54 3.02 -7.52 2.96
C ARG A 54 1.65 -7.22 3.60
N ASP A 55 0.77 -8.21 3.65
CA ASP A 55 -0.58 -7.98 4.18
C ASP A 55 -0.51 -7.50 5.64
N SER A 56 0.31 -8.18 6.43
CA SER A 56 0.48 -7.84 7.84
C SER A 56 1.00 -6.40 7.99
N GLY A 57 1.99 -6.02 7.17
CA GLY A 57 2.59 -4.68 7.24
C GLY A 57 1.64 -3.58 6.83
N LEU A 58 0.84 -3.82 5.80
CA LEU A 58 -0.16 -2.84 5.36
C LEU A 58 -1.25 -2.70 6.41
N VAL A 59 -1.70 -3.84 6.95
CA VAL A 59 -2.71 -3.85 8.02
C VAL A 59 -2.21 -3.13 9.28
N LEU A 60 -0.99 -3.44 9.69
CA LEU A 60 -0.41 -2.76 10.85
C LEU A 60 -0.17 -1.27 10.66
N LYS A 61 0.23 -0.85 9.45
CA LYS A 61 0.36 0.59 9.17
C LYS A 61 -0.98 1.30 9.41
N THR A 62 -2.07 0.66 8.95
CA THR A 62 -3.41 1.19 9.14
C THR A 62 -3.72 1.29 10.63
N LEU A 63 -3.48 0.19 11.36
CA LEU A 63 -3.73 0.17 12.80
C LEU A 63 -2.89 1.19 13.56
N VAL A 64 -1.62 1.30 13.20
CA VAL A 64 -0.75 2.29 13.84
C VAL A 64 -1.26 3.70 13.58
N ASP A 65 -1.73 3.96 12.35
CA ASP A 65 -2.27 5.29 12.03
C ASP A 65 -3.56 5.60 12.81
N LEU A 66 -4.44 4.62 12.97
CA LEU A 66 -5.65 4.76 13.80
C LEU A 66 -5.30 4.98 15.27
N PHE A 67 -4.36 4.18 15.78
CA PHE A 67 -3.83 4.29 17.14
C PHE A 67 -3.27 5.69 17.43
N ARG A 68 -2.48 6.21 16.48
CA ARG A 68 -1.83 7.52 16.61
C ARG A 68 -2.82 8.69 16.52
N ASN A 69 -3.95 8.44 15.87
CA ASN A 69 -5.02 9.42 15.77
C ASN A 69 -6.00 9.36 16.95
N GLY A 70 -5.70 8.51 17.93
CA GLY A 70 -6.50 8.48 19.16
C GLY A 70 -7.12 7.14 19.55
N ASP A 71 -7.03 6.13 18.67
CA ASP A 71 -7.61 4.81 18.96
C ASP A 71 -6.62 4.00 19.81
N THR A 72 -6.47 4.43 21.06
CA THR A 72 -5.37 3.93 21.91
C THR A 72 -5.48 2.47 22.35
N SER A 73 -6.68 1.90 22.31
CA SER A 73 -6.89 0.51 22.71
C SER A 73 -6.25 -0.51 21.75
N LEU A 74 -5.80 -0.02 20.60
CA LEU A 74 -5.06 -0.86 19.65
C LEU A 74 -3.63 -1.15 20.11
N LEU A 75 -3.22 -0.56 21.23
CA LEU A 75 -1.85 -0.71 21.75
C LEU A 75 -1.34 -2.16 21.80
N SER A 76 -2.07 -3.05 22.48
CA SER A 76 -1.58 -4.43 22.66
C SER A 76 -1.47 -5.19 21.34
N THR A 77 -2.37 -4.93 20.40
CA THR A 77 -2.31 -5.52 19.06
C THR A 77 -0.99 -5.15 18.37
N ILE A 78 -0.65 -3.88 18.40
CA ILE A 78 0.59 -3.37 17.82
C ILE A 78 1.82 -3.98 18.52
N GLU A 79 1.83 -3.92 19.84
CA GLU A 79 2.89 -4.53 20.64
C GLU A 79 3.07 -6.00 20.29
N ASN A 80 1.96 -6.74 20.16
CA ASN A 80 1.99 -8.16 19.83
C ASN A 80 2.62 -8.40 18.45
N TYR A 81 2.24 -7.59 17.46
CA TYR A 81 2.85 -7.61 16.13
C TYR A 81 4.36 -7.47 16.21
N ILE A 82 4.82 -6.45 16.93
CA ILE A 82 6.25 -6.22 17.14
C ILE A 82 6.95 -7.47 17.69
N SER A 83 6.40 -8.04 18.75
CA SER A 83 6.91 -9.29 19.33
C SER A 83 6.95 -10.42 18.31
N ALA A 84 5.89 -10.58 17.53
CA ALA A 84 5.79 -11.63 16.52
C ALA A 84 6.90 -11.48 15.47
N GLN A 85 7.11 -10.25 15.04
CA GLN A 85 8.06 -9.97 13.98
C GLN A 85 9.51 -10.20 14.40
N ALA A 86 9.80 -10.03 15.68
CA ALA A 86 11.12 -10.41 16.21
C ALA A 86 11.39 -11.89 15.94
N ILE A 87 10.38 -12.72 16.17
CA ILE A 87 10.43 -14.16 15.90
C ILE A 87 10.46 -14.42 14.38
N VAL A 88 9.50 -13.84 13.66
CA VAL A 88 9.35 -14.07 12.21
C VAL A 88 10.62 -13.78 11.39
N GLN A 89 11.26 -12.64 11.67
CA GLN A 89 12.51 -12.25 11.03
C GLN A 89 13.60 -13.33 11.10
N GLY A 90 13.56 -14.15 12.15
CA GLY A 90 14.61 -15.14 12.40
C GLY A 90 14.33 -16.53 11.87
N ILE A 91 13.14 -16.74 11.33
CA ILE A 91 12.76 -18.02 10.77
C ILE A 91 13.57 -18.27 9.50
N SER A 92 14.47 -19.25 9.53
CA SER A 92 15.12 -19.71 8.30
C SER A 92 14.05 -20.32 7.41
N ASN A 93 14.03 -19.89 6.15
CA ASN A 93 12.99 -20.28 5.21
C ASN A 93 13.58 -20.48 3.79
N PRO A 94 12.77 -20.92 2.80
CA PRO A 94 13.32 -21.16 1.46
C PRO A 94 13.91 -19.93 0.72
N SER A 95 13.62 -18.72 1.20
CA SER A 95 14.26 -17.52 0.67
C SER A 95 15.66 -17.34 1.23
N GLY A 96 15.90 -17.88 2.43
CA GLY A 96 17.21 -17.76 3.10
C GLY A 96 17.05 -17.58 4.61
N ASP A 97 18.13 -17.11 5.25
CA ASP A 97 18.15 -16.90 6.69
C ASP A 97 18.29 -15.42 7.02
N LEU A 98 18.29 -15.11 8.32
CA LEU A 98 18.49 -13.75 8.79
C LEU A 98 19.93 -13.26 8.60
N SER A 99 20.90 -14.13 8.86
CA SER A 99 22.31 -13.71 8.81
C SER A 99 22.74 -13.11 7.46
N SER A 100 22.25 -13.69 6.38
CA SER A 100 22.52 -13.18 5.03
C SER A 100 21.53 -12.09 4.65
N GLY A 101 20.43 -12.02 5.40
CA GLY A 101 19.35 -11.08 5.09
C GLY A 101 18.29 -11.65 4.16
N ALA A 102 18.66 -12.63 3.34
CA ALA A 102 17.78 -13.10 2.25
C ALA A 102 16.44 -13.66 2.75
N GLY A 103 16.46 -14.24 3.95
CA GLY A 103 15.24 -14.77 4.57
C GLY A 103 14.13 -13.75 4.76
N LEU A 104 14.49 -12.48 4.84
CA LEU A 104 13.51 -11.42 5.08
C LEU A 104 12.61 -11.20 3.85
N GLY A 105 13.06 -11.64 2.68
CA GLY A 105 12.27 -11.56 1.45
C GLY A 105 11.17 -12.60 1.29
N GLU A 106 11.09 -13.53 2.24
CA GLU A 106 10.05 -14.57 2.20
C GLU A 106 8.65 -13.95 2.19
N PRO A 107 7.83 -14.32 1.20
CA PRO A 107 6.47 -13.78 1.14
C PRO A 107 5.56 -14.12 2.32
N LYS A 108 5.49 -15.40 2.70
CA LYS A 108 4.51 -15.84 3.68
C LYS A 108 5.05 -16.91 4.61
N PHE A 109 4.34 -17.08 5.73
CA PHE A 109 4.70 -18.02 6.77
C PHE A 109 3.45 -18.73 7.27
N ASN A 110 3.63 -19.89 7.88
CA ASN A 110 2.55 -20.52 8.61
C ASN A 110 2.20 -19.68 9.85
N VAL A 111 0.94 -19.77 10.27
CA VAL A 111 0.41 -18.88 11.33
C VAL A 111 0.97 -19.21 12.72
N ASP A 112 1.64 -20.35 12.83
CA ASP A 112 2.29 -20.77 14.07
C ASP A 112 3.77 -20.39 14.06
N GLU A 113 4.12 -19.41 13.23
CA GLU A 113 5.49 -18.93 13.11
C GLU A 113 6.49 -20.05 12.72
N THR A 114 6.13 -20.80 11.68
CA THR A 114 7.04 -21.76 11.06
C THR A 114 7.15 -21.44 9.56
N ALA A 115 8.25 -21.84 8.93
CA ALA A 115 8.42 -21.61 7.51
C ALA A 115 7.37 -22.35 6.68
N TYR A 116 6.92 -21.70 5.61
CA TYR A 116 6.10 -22.34 4.58
C TYR A 116 7.08 -23.00 3.61
N THR A 117 7.04 -24.32 3.51
CA THR A 117 8.10 -25.03 2.79
C THR A 117 7.79 -25.33 1.32
N GLY A 118 6.55 -25.12 0.91
CA GLY A 118 6.13 -25.41 -0.47
C GLY A 118 6.70 -24.39 -1.45
N SER A 119 6.67 -24.73 -2.74
CA SER A 119 7.10 -23.80 -3.79
C SER A 119 6.22 -22.55 -3.79
N TRP A 120 6.81 -21.42 -4.17
CA TRP A 120 6.15 -20.14 -4.09
C TRP A 120 6.89 -19.08 -4.90
N GLY A 121 6.16 -18.02 -5.29
CA GLY A 121 6.77 -16.88 -5.94
C GLY A 121 7.57 -16.06 -4.94
N ARG A 122 8.75 -16.58 -4.58
CA ARG A 122 9.67 -15.97 -3.63
C ARG A 122 11.00 -15.67 -4.30
N PRO A 123 11.73 -14.63 -3.83
CA PRO A 123 11.33 -13.70 -2.77
C PRO A 123 10.39 -12.59 -3.28
N GLN A 124 9.75 -11.87 -2.36
CA GLN A 124 9.01 -10.66 -2.71
C GLN A 124 9.59 -9.55 -1.85
N ARG A 125 10.29 -8.63 -2.51
CA ARG A 125 11.17 -7.69 -1.80
C ARG A 125 10.46 -6.47 -1.20
N ASP A 126 9.15 -6.34 -1.44
CA ASP A 126 8.32 -5.28 -0.84
C ASP A 126 8.07 -5.49 0.66
N GLY A 127 8.07 -6.75 1.08
CA GLY A 127 7.79 -7.14 2.46
C GLY A 127 8.57 -6.39 3.52
N PRO A 128 9.92 -6.48 3.50
CA PRO A 128 10.72 -5.74 4.48
C PRO A 128 10.45 -4.25 4.51
N ALA A 129 10.24 -3.65 3.33
CA ALA A 129 9.92 -2.23 3.24
C ALA A 129 8.61 -1.91 3.98
N LEU A 130 7.58 -2.72 3.75
CA LEU A 130 6.26 -2.51 4.36
C LEU A 130 6.26 -2.75 5.86
N ARG A 131 6.98 -3.78 6.32
CA ARG A 131 7.14 -4.02 7.75
C ARG A 131 7.86 -2.86 8.45
N ALA A 132 8.97 -2.39 7.86
CA ALA A 132 9.71 -1.23 8.39
C ALA A 132 8.77 -0.04 8.51
N THR A 133 8.04 0.25 7.44
CA THR A 133 7.11 1.38 7.44
C THR A 133 6.07 1.28 8.57
N ALA A 134 5.55 0.08 8.80
CA ALA A 134 4.58 -0.14 9.88
C ALA A 134 5.23 0.09 11.25
N MET A 135 6.43 -0.45 11.43
CA MET A 135 7.12 -0.38 12.72
C MET A 135 7.62 1.02 13.07
N ILE A 136 8.07 1.75 12.05
CA ILE A 136 8.60 3.09 12.23
C ILE A 136 7.54 4.03 12.83
N GLY A 137 6.33 4.00 12.28
CA GLY A 137 5.20 4.73 12.85
C GLY A 137 5.02 4.53 14.35
N PHE A 138 5.11 3.28 14.80
CA PHE A 138 4.99 2.96 16.23
C PHE A 138 6.23 3.43 17.01
N GLY A 139 7.40 3.30 16.38
CA GLY A 139 8.63 3.83 16.96
C GLY A 139 8.56 5.33 17.19
N GLN A 140 7.96 6.05 16.23
CA GLN A 140 7.74 7.49 16.31
C GLN A 140 6.86 7.84 17.52
N TRP A 141 5.71 7.17 17.63
CA TRP A 141 4.83 7.34 18.79
C TRP A 141 5.53 7.08 20.13
N LEU A 142 6.30 5.99 20.19
CA LEU A 142 7.00 5.62 21.43
C LEU A 142 7.95 6.71 21.91
N LEU A 143 8.70 7.28 20.96
CA LEU A 143 9.61 8.39 21.24
C LEU A 143 8.86 9.62 21.75
N ASP A 144 7.74 9.92 21.11
CA ASP A 144 6.93 11.10 21.43
C ASP A 144 6.28 11.04 22.81
N ASN A 145 6.12 9.82 23.32
CA ASN A 145 5.42 9.58 24.59
C ASN A 145 6.35 9.04 25.68
N GLY A 146 7.65 9.27 25.51
CA GLY A 146 8.63 8.95 26.54
C GLY A 146 9.06 7.50 26.68
N TYR A 147 8.68 6.66 25.73
CA TYR A 147 9.10 5.26 25.76
C TYR A 147 10.37 5.04 24.92
N THR A 148 11.42 5.77 25.30
CA THR A 148 12.69 5.80 24.55
C THR A 148 13.36 4.44 24.48
N SER A 149 13.39 3.72 25.60
CA SER A 149 14.02 2.41 25.65
C SER A 149 13.35 1.36 24.75
N THR A 150 12.03 1.39 24.67
CA THR A 150 11.30 0.50 23.76
C THR A 150 11.61 0.84 22.31
N ALA A 151 11.66 2.13 21.99
CA ALA A 151 11.94 2.60 20.63
C ALA A 151 13.37 2.30 20.19
N THR A 152 14.31 2.39 21.13
CA THR A 152 15.73 2.27 20.82
C THR A 152 16.25 0.83 20.87
N ASP A 153 15.75 0.04 21.82
CA ASP A 153 16.24 -1.31 22.06
C ASP A 153 15.44 -2.43 21.35
N ILE A 154 14.19 -2.14 21.01
CA ILE A 154 13.33 -3.15 20.37
C ILE A 154 12.95 -2.77 18.95
N VAL A 155 12.24 -1.65 18.81
CA VAL A 155 11.73 -1.25 17.49
C VAL A 155 12.86 -0.94 16.49
N TRP A 156 13.82 -0.11 16.89
CA TRP A 156 14.93 0.24 15.99
C TRP A 156 15.71 -0.98 15.44
N PRO A 157 16.19 -1.88 16.32
CA PRO A 157 16.87 -3.09 15.81
C PRO A 157 16.03 -3.93 14.82
N LEU A 158 14.73 -4.04 15.05
CA LEU A 158 13.84 -4.72 14.10
C LEU A 158 13.82 -4.00 12.75
N VAL A 159 13.69 -2.68 12.83
CA VAL A 159 13.65 -1.83 11.65
C VAL A 159 14.98 -1.88 10.90
N ARG A 160 16.08 -1.92 11.66
CA ARG A 160 17.42 -1.91 11.08
C ARG A 160 17.65 -3.12 10.17
N ASN A 161 17.15 -4.28 10.57
CA ASN A 161 17.22 -5.50 9.73
C ASN A 161 16.55 -5.32 8.38
N ASP A 162 15.34 -4.77 8.41
CA ASP A 162 14.53 -4.58 7.21
C ASP A 162 15.09 -3.48 6.30
N LEU A 163 15.60 -2.40 6.90
CA LEU A 163 16.27 -1.35 6.11
C LEU A 163 17.52 -1.86 5.44
N SER A 164 18.27 -2.69 6.16
CA SER A 164 19.47 -3.32 5.62
C SER A 164 19.10 -4.20 4.42
N TYR A 165 17.97 -4.92 4.52
CA TYR A 165 17.50 -5.76 3.42
C TYR A 165 17.23 -4.94 2.16
N VAL A 166 16.47 -3.85 2.32
CA VAL A 166 16.10 -2.98 1.19
C VAL A 166 17.33 -2.38 0.51
N ALA A 167 18.26 -1.83 1.31
CA ALA A 167 19.49 -1.23 0.77
C ALA A 167 20.38 -2.25 0.03
N GLN A 168 20.46 -3.47 0.56
CA GLN A 168 21.25 -4.52 -0.09
C GLN A 168 20.58 -5.15 -1.34
N TYR A 169 19.26 -5.32 -1.31
CA TYR A 169 18.58 -6.14 -2.31
C TYR A 169 17.64 -5.42 -3.29
N TRP A 170 17.49 -4.10 -3.16
CA TRP A 170 16.49 -3.38 -3.98
C TRP A 170 16.70 -3.60 -5.48
N ASN A 171 17.96 -3.67 -5.90
CA ASN A 171 18.32 -3.72 -7.33
C ASN A 171 18.37 -5.15 -7.88
N GLN A 172 17.69 -6.06 -7.19
CA GLN A 172 17.56 -7.46 -7.60
C GLN A 172 16.11 -7.78 -7.95
N THR A 173 15.91 -8.69 -8.90
CA THR A 173 14.58 -9.09 -9.34
C THR A 173 13.92 -9.95 -8.26
N GLY A 174 12.60 -9.93 -8.25
CA GLY A 174 11.81 -10.77 -7.35
C GLY A 174 10.39 -10.83 -7.88
N TYR A 175 9.47 -11.36 -7.10
CA TYR A 175 8.08 -11.41 -7.55
C TYR A 175 7.33 -10.17 -7.11
N ASP A 176 6.32 -9.78 -7.89
CA ASP A 176 5.49 -8.61 -7.59
C ASP A 176 4.50 -8.91 -6.45
N LEU A 177 3.75 -7.88 -6.05
CA LEU A 177 2.79 -7.97 -4.94
C LEU A 177 1.67 -9.00 -5.21
N TRP A 178 1.38 -9.26 -6.49
CA TRP A 178 0.40 -10.28 -6.86
C TRP A 178 1.01 -11.69 -6.87
N GLU A 179 2.33 -11.76 -6.61
CA GLU A 179 3.08 -13.01 -6.44
C GLU A 179 3.25 -13.82 -7.75
N GLU A 180 3.15 -13.14 -8.88
CA GLU A 180 3.01 -13.80 -10.19
C GLU A 180 4.13 -13.46 -11.17
N VAL A 181 4.57 -12.21 -11.18
CA VAL A 181 5.51 -11.74 -12.18
C VAL A 181 6.90 -11.60 -11.57
N ASN A 182 7.85 -12.40 -12.06
CA ASN A 182 9.25 -12.23 -11.65
C ASN A 182 9.88 -11.12 -12.46
N GLY A 183 10.38 -10.10 -11.77
CA GLY A 183 11.07 -8.99 -12.38
C GLY A 183 11.28 -7.88 -11.37
N SER A 184 11.01 -6.65 -11.80
CA SER A 184 11.10 -5.48 -10.95
C SER A 184 9.78 -4.75 -11.05
N SER A 185 9.20 -4.37 -9.91
CA SER A 185 7.80 -3.92 -9.84
C SER A 185 7.64 -2.51 -9.27
N PHE A 186 6.78 -1.71 -9.89
CA PHE A 186 6.61 -0.31 -9.45
C PHE A 186 6.27 -0.20 -7.96
N PHE A 187 5.25 -0.93 -7.52
CA PHE A 187 4.79 -0.86 -6.14
C PHE A 187 5.98 -1.12 -5.22
N THR A 188 6.72 -2.18 -5.52
CA THR A 188 7.84 -2.60 -4.69
C THR A 188 8.92 -1.51 -4.60
N ILE A 189 9.34 -0.99 -5.74
CA ILE A 189 10.34 0.08 -5.79
C ILE A 189 9.86 1.35 -5.04
N ALA A 190 8.61 1.75 -5.26
CA ALA A 190 8.06 2.94 -4.60
C ALA A 190 8.09 2.83 -3.06
N VAL A 191 7.62 1.70 -2.53
CA VAL A 191 7.58 1.49 -1.07
C VAL A 191 8.94 1.28 -0.45
N GLN A 192 9.86 0.70 -1.20
CA GLN A 192 11.27 0.59 -0.79
C GLN A 192 11.91 1.97 -0.65
N HIS A 193 11.66 2.85 -1.63
CA HIS A 193 12.21 4.20 -1.58
C HIS A 193 11.72 4.91 -0.34
N ARG A 194 10.41 4.86 -0.12
CA ARG A 194 9.78 5.44 1.06
C ARG A 194 10.42 4.91 2.35
N ALA A 195 10.55 3.59 2.47
CA ALA A 195 11.07 2.96 3.69
C ALA A 195 12.48 3.45 4.06
N LEU A 196 13.36 3.57 3.08
CA LEU A 196 14.72 4.03 3.34
C LEU A 196 14.76 5.47 3.82
N VAL A 197 13.85 6.31 3.30
CA VAL A 197 13.81 7.73 3.65
C VAL A 197 13.33 7.94 5.09
N GLU A 198 12.16 7.40 5.42
CA GLU A 198 11.65 7.51 6.79
C GLU A 198 12.47 6.66 7.76
N GLY A 199 13.08 5.59 7.27
CA GLY A 199 13.95 4.74 8.10
C GLY A 199 15.21 5.43 8.58
N SER A 200 15.80 6.25 7.71
CA SER A 200 16.96 7.06 8.03
C SER A 200 16.61 8.11 9.10
N ALA A 201 15.45 8.76 8.97
CA ALA A 201 14.97 9.72 9.96
C ALA A 201 14.70 9.09 11.31
N PHE A 202 14.15 7.87 11.31
CA PHE A 202 13.94 7.14 12.56
C PHE A 202 15.28 6.82 13.22
N ALA A 203 16.26 6.39 12.43
CA ALA A 203 17.62 6.07 12.91
C ALA A 203 18.22 7.27 13.64
N THR A 204 18.20 8.42 12.99
CA THR A 204 18.65 9.67 13.60
C THR A 204 17.89 9.94 14.91
N ALA A 205 16.56 9.83 14.89
CA ALA A 205 15.73 10.09 16.06
C ALA A 205 16.04 9.21 17.28
N VAL A 206 16.50 7.98 17.03
CA VAL A 206 16.88 7.08 18.13
C VAL A 206 18.35 7.23 18.55
N GLY A 207 19.03 8.22 17.98
CA GLY A 207 20.44 8.48 18.30
C GLY A 207 21.39 7.53 17.58
N SER A 208 20.93 7.00 16.44
CA SER A 208 21.76 6.13 15.61
C SER A 208 21.95 6.78 14.22
N SER A 209 22.18 5.95 13.20
CA SER A 209 22.32 6.41 11.82
C SER A 209 22.03 5.28 10.84
N CYS A 210 21.73 5.63 9.59
CA CYS A 210 21.54 4.64 8.53
C CYS A 210 22.22 5.12 7.26
N SER A 211 23.53 4.88 7.17
CA SER A 211 24.33 5.29 6.01
C SER A 211 23.92 4.58 4.73
N TRP A 212 23.56 3.31 4.84
CA TRP A 212 23.04 2.55 3.70
C TRP A 212 21.67 3.04 3.20
N CYS A 213 20.83 3.54 4.11
CA CYS A 213 19.57 4.19 3.74
C CYS A 213 19.84 5.44 2.89
N ASP A 214 20.82 6.23 3.34
CA ASP A 214 21.11 7.53 2.74
C ASP A 214 21.73 7.41 1.36
N SER A 215 22.59 6.42 1.16
CA SER A 215 23.22 6.24 -0.14
C SER A 215 22.26 5.61 -1.15
N GLN A 216 21.41 4.70 -0.68
CA GLN A 216 20.54 3.94 -1.59
C GLN A 216 19.23 4.64 -1.98
N ALA A 217 18.67 5.45 -1.08
CA ALA A 217 17.38 6.09 -1.39
C ALA A 217 17.36 6.84 -2.73
N PRO A 218 18.34 7.73 -2.99
CA PRO A 218 18.28 8.47 -4.26
C PRO A 218 18.44 7.57 -5.49
N GLU A 219 19.16 6.46 -5.35
CA GLU A 219 19.31 5.49 -6.43
C GLU A 219 18.01 4.75 -6.72
N ILE A 220 17.26 4.44 -5.67
CA ILE A 220 15.96 3.78 -5.84
C ILE A 220 15.01 4.74 -6.54
N LEU A 221 15.01 5.99 -6.08
CA LEU A 221 14.20 7.04 -6.71
C LEU A 221 14.59 7.26 -8.18
N CYS A 222 15.89 7.23 -8.46
CA CYS A 222 16.39 7.38 -9.82
C CYS A 222 15.78 6.28 -10.68
N TYR A 223 15.84 5.05 -10.20
CA TYR A 223 15.30 3.90 -10.92
C TYR A 223 13.78 4.00 -11.08
N LEU A 224 13.10 4.50 -10.05
CA LEU A 224 11.65 4.64 -10.07
C LEU A 224 11.13 5.42 -11.27
N GLN A 225 11.95 6.37 -11.77
CA GLN A 225 11.55 7.22 -12.89
C GLN A 225 11.32 6.42 -14.16
N SER A 226 12.01 5.29 -14.29
CA SER A 226 11.91 4.40 -15.45
C SER A 226 10.51 3.81 -15.65
N PHE A 227 9.71 3.75 -14.58
CA PHE A 227 8.37 3.18 -14.68
C PHE A 227 7.35 4.07 -15.40
N TRP A 228 7.69 5.34 -15.59
CA TRP A 228 6.82 6.24 -16.36
C TRP A 228 7.02 5.99 -17.85
N THR A 229 5.94 5.61 -18.53
CA THR A 229 5.97 5.28 -19.95
C THR A 229 5.79 6.52 -20.83
N GLY A 230 5.27 7.60 -20.25
CA GLY A 230 4.89 8.76 -21.05
C GLY A 230 3.39 8.96 -21.06
N SER A 231 2.62 7.91 -20.74
CA SER A 231 1.18 8.05 -20.59
C SER A 231 0.60 7.37 -19.34
N PHE A 232 1.32 6.39 -18.80
CA PHE A 232 0.92 5.75 -17.55
C PHE A 232 2.13 5.15 -16.84
N ILE A 233 1.89 4.56 -15.67
CA ILE A 233 2.93 3.94 -14.87
C ILE A 233 2.96 2.43 -15.16
N LEU A 234 4.08 1.95 -15.70
CA LEU A 234 4.25 0.54 -16.00
C LEU A 234 4.37 -0.26 -14.70
N ALA A 235 3.64 -1.37 -14.62
CA ALA A 235 3.59 -2.17 -13.40
C ALA A 235 4.87 -2.97 -13.14
N ASN A 236 5.43 -3.57 -14.19
CA ASN A 236 6.60 -4.47 -14.06
C ASN A 236 7.53 -4.39 -15.27
N PHE A 237 8.83 -4.45 -15.00
CA PHE A 237 9.85 -4.85 -15.97
C PHE A 237 10.22 -6.31 -15.69
N ASP A 238 10.15 -7.22 -16.67
CA ASP A 238 9.63 -6.98 -17.99
C ASP A 238 8.44 -7.93 -18.19
N SER A 239 7.42 -7.42 -18.86
CA SER A 239 6.16 -8.13 -19.05
C SER A 239 5.59 -7.73 -20.41
N SER A 240 4.91 -8.65 -21.06
CA SER A 240 4.23 -8.33 -22.31
C SER A 240 2.75 -8.02 -22.08
N ARG A 241 2.36 -7.89 -20.82
CA ARG A 241 1.06 -7.33 -20.45
C ARG A 241 1.06 -5.85 -20.84
N SER A 242 -0.11 -5.20 -20.74
CA SER A 242 -0.19 -3.76 -21.01
C SER A 242 0.65 -2.99 -20.00
N GLY A 243 0.73 -3.50 -18.77
CA GLY A 243 1.43 -2.81 -17.70
C GLY A 243 0.53 -1.92 -16.86
N LYS A 244 -0.74 -1.79 -17.28
CA LYS A 244 -1.80 -1.14 -16.51
C LYS A 244 -2.22 -2.08 -15.38
N ASP A 245 -2.14 -1.60 -14.14
CA ASP A 245 -2.23 -2.48 -12.96
C ASP A 245 -2.53 -1.64 -11.71
N ALA A 246 -3.47 -2.11 -10.90
CA ALA A 246 -3.78 -1.46 -9.62
C ALA A 246 -2.57 -1.39 -8.68
N ASN A 247 -1.57 -2.24 -8.94
CA ASN A 247 -0.17 -2.08 -8.47
C ASN A 247 0.22 -0.61 -8.31
N THR A 248 -0.02 0.18 -9.35
CA THR A 248 0.51 1.54 -9.41
C THR A 248 -0.38 2.55 -8.64
N LEU A 249 -1.69 2.26 -8.57
CA LEU A 249 -2.59 2.98 -7.65
C LEU A 249 -2.15 2.76 -6.20
N LEU A 250 -1.86 1.49 -5.87
CA LEU A 250 -1.38 1.13 -4.53
C LEU A 250 -0.02 1.74 -4.22
N GLY A 251 0.87 1.80 -5.20
CA GLY A 251 2.17 2.46 -5.01
C GLY A 251 2.00 3.91 -4.60
N SER A 252 1.14 4.62 -5.34
CA SER A 252 0.84 6.03 -5.07
C SER A 252 0.24 6.24 -3.68
N ILE A 253 -0.82 5.50 -3.35
CA ILE A 253 -1.49 5.78 -2.09
C ILE A 253 -0.67 5.35 -0.87
N HIS A 254 0.14 4.31 -1.02
CA HIS A 254 0.96 3.85 0.11
C HIS A 254 2.28 4.62 0.26
N THR A 255 2.54 5.52 -0.68
CA THR A 255 3.66 6.47 -0.55
C THR A 255 3.18 7.94 -0.54
N PHE A 256 1.88 8.14 -0.36
CA PHE A 256 1.30 9.48 -0.18
C PHE A 256 1.88 10.14 1.06
N ASP A 257 2.36 11.37 0.89
CA ASP A 257 2.84 12.21 1.97
C ASP A 257 1.97 13.45 1.96
N PRO A 258 1.23 13.70 3.05
CA PRO A 258 0.31 14.84 3.11
C PRO A 258 1.02 16.21 3.07
N GLU A 259 2.34 16.22 3.22
CA GLU A 259 3.14 17.44 3.11
C GLU A 259 3.53 17.71 1.67
N ALA A 260 3.48 16.69 0.82
CA ALA A 260 4.00 16.78 -0.55
C ALA A 260 3.13 17.60 -1.49
N ALA A 261 3.80 18.31 -2.40
CA ALA A 261 3.16 18.91 -3.55
C ALA A 261 2.84 17.82 -4.58
N CYS A 262 2.34 18.20 -5.75
CA CYS A 262 1.97 17.21 -6.75
C CYS A 262 3.18 16.69 -7.54
N ASP A 263 4.11 16.09 -6.79
CA ASP A 263 5.43 15.72 -7.29
C ASP A 263 5.41 14.49 -8.19
N ASP A 264 5.74 14.71 -9.46
CA ASP A 264 5.90 13.62 -10.43
C ASP A 264 6.95 12.60 -10.02
N SER A 265 8.07 13.05 -9.46
CA SER A 265 9.20 12.16 -9.15
C SER A 265 8.86 11.05 -8.16
N THR A 266 7.91 11.33 -7.26
CA THR A 266 7.47 10.35 -6.26
C THR A 266 6.02 9.92 -6.51
N PHE A 267 5.50 10.27 -7.69
CA PHE A 267 4.18 9.80 -8.14
C PHE A 267 3.10 9.99 -7.08
N GLN A 268 3.11 11.18 -6.47
CA GLN A 268 2.12 11.56 -5.48
C GLN A 268 0.73 11.52 -6.11
N PRO A 269 -0.31 11.27 -5.30
CA PRO A 269 -1.66 11.15 -5.83
C PRO A 269 -2.12 12.28 -6.77
N CYS A 270 -1.74 13.52 -6.52
CA CYS A 270 -2.18 14.62 -7.40
C CYS A 270 -1.16 14.98 -8.50
N SER A 271 -0.04 14.27 -8.55
CA SER A 271 0.94 14.51 -9.62
C SER A 271 0.29 14.20 -10.98
N PRO A 272 0.67 14.95 -12.03
CA PRO A 272 0.10 14.69 -13.37
C PRO A 272 0.27 13.24 -13.83
N ARG A 273 1.42 12.65 -13.51
CA ARG A 273 1.70 11.25 -13.83
C ARG A 273 0.71 10.28 -13.19
N ALA A 274 0.50 10.40 -11.87
CA ALA A 274 -0.42 9.50 -11.15
C ALA A 274 -1.88 9.70 -11.54
N LEU A 275 -2.26 10.92 -11.90
CA LEU A 275 -3.61 11.20 -12.37
C LEU A 275 -3.86 10.65 -13.77
N ALA A 276 -2.90 10.86 -14.67
CA ALA A 276 -2.97 10.24 -16.00
C ALA A 276 -3.07 8.72 -15.85
N ASN A 277 -2.23 8.15 -14.98
CA ASN A 277 -2.21 6.70 -14.74
C ASN A 277 -3.54 6.20 -14.18
N HIS A 278 -4.12 6.97 -13.26
CA HIS A 278 -5.43 6.65 -12.70
C HIS A 278 -6.44 6.36 -13.81
N LYS A 279 -6.55 7.26 -14.79
CA LYS A 279 -7.52 7.10 -15.86
C LYS A 279 -7.23 5.86 -16.71
N GLU A 280 -5.95 5.66 -17.06
CA GLU A 280 -5.55 4.50 -17.87
C GLU A 280 -5.85 3.17 -17.18
N VAL A 281 -5.54 3.09 -15.89
CA VAL A 281 -5.79 1.87 -15.12
C VAL A 281 -7.30 1.63 -15.01
N VAL A 282 -8.05 2.61 -14.50
CA VAL A 282 -9.50 2.46 -14.34
C VAL A 282 -10.20 2.12 -15.67
N ASP A 283 -9.87 2.85 -16.73
CA ASP A 283 -10.44 2.60 -18.07
C ASP A 283 -10.23 1.17 -18.58
N SER A 284 -9.14 0.52 -18.18
CA SER A 284 -8.86 -0.85 -18.64
C SER A 284 -9.93 -1.85 -18.15
N PHE A 285 -10.75 -1.45 -17.19
CA PHE A 285 -11.75 -2.36 -16.63
C PHE A 285 -13.17 -2.09 -17.13
N ARG A 286 -13.33 -1.03 -17.91
CA ARG A 286 -14.65 -0.57 -18.34
C ARG A 286 -15.39 -1.53 -19.29
N SER A 287 -14.68 -2.13 -20.23
CA SER A 287 -15.27 -2.98 -21.25
C SER A 287 -15.27 -4.46 -20.89
N ILE A 288 -14.36 -4.87 -20.01
CA ILE A 288 -14.10 -6.28 -19.76
C ILE A 288 -14.97 -6.93 -18.67
N TYR A 289 -15.65 -6.09 -17.89
CA TYR A 289 -16.59 -6.56 -16.87
C TYR A 289 -18.03 -6.16 -17.23
N THR A 290 -18.91 -7.15 -17.29
CA THR A 290 -20.35 -6.93 -17.51
C THR A 290 -20.96 -6.09 -16.39
N LEU A 291 -20.38 -6.18 -15.20
CA LEU A 291 -20.80 -5.39 -14.05
C LEU A 291 -20.74 -3.90 -14.37
N ASN A 292 -19.83 -3.52 -15.27
CA ASN A 292 -19.64 -2.13 -15.66
C ASN A 292 -20.46 -1.65 -16.88
N ASP A 293 -21.24 -2.56 -17.47
CA ASP A 293 -22.06 -2.27 -18.65
C ASP A 293 -22.93 -1.03 -18.47
N GLY A 294 -23.00 -0.20 -19.51
CA GLY A 294 -23.87 0.97 -19.51
C GLY A 294 -23.36 2.21 -18.79
N LEU A 295 -22.22 2.09 -18.11
CA LEU A 295 -21.63 3.24 -17.43
C LEU A 295 -20.76 4.06 -18.38
N SER A 296 -20.80 5.39 -18.21
CA SER A 296 -20.02 6.28 -19.06
C SER A 296 -18.65 6.58 -18.44
N ASP A 297 -17.76 7.19 -19.23
CA ASP A 297 -16.39 7.50 -18.80
C ASP A 297 -16.26 8.53 -17.66
N SER A 298 -17.35 9.16 -17.28
CA SER A 298 -17.36 10.11 -16.15
C SER A 298 -17.76 9.41 -14.85
N GLU A 299 -18.17 8.15 -14.96
CA GLU A 299 -18.68 7.39 -13.82
C GLU A 299 -17.66 6.37 -13.32
N ALA A 300 -17.69 6.13 -12.01
CA ALA A 300 -16.84 5.09 -11.42
C ALA A 300 -17.27 3.71 -11.89
N VAL A 301 -16.32 2.78 -11.85
CA VAL A 301 -16.56 1.40 -12.28
C VAL A 301 -15.87 0.45 -11.30
N ALA A 302 -16.25 -0.82 -11.33
CA ALA A 302 -15.53 -1.86 -10.58
C ALA A 302 -14.13 -2.01 -11.16
N VAL A 303 -13.15 -2.00 -10.26
CA VAL A 303 -11.74 -2.05 -10.62
C VAL A 303 -11.09 -3.35 -10.12
N GLY A 304 -10.44 -4.07 -11.02
CA GLY A 304 -9.67 -5.27 -10.65
C GLY A 304 -8.18 -4.97 -10.49
N ARG A 305 -7.36 -6.01 -10.64
CA ARG A 305 -5.91 -5.90 -10.52
C ARG A 305 -5.26 -5.39 -11.81
N TYR A 306 -5.44 -6.15 -12.89
CA TYR A 306 -4.92 -5.78 -14.21
C TYR A 306 -5.82 -6.46 -15.24
N PRO A 307 -5.99 -5.85 -16.42
CA PRO A 307 -6.97 -6.38 -17.39
C PRO A 307 -6.72 -7.80 -17.93
N GLU A 308 -5.48 -8.28 -17.85
CA GLU A 308 -5.10 -9.62 -18.30
C GLU A 308 -5.30 -10.72 -17.24
N ASP A 309 -5.75 -10.34 -16.05
CA ASP A 309 -5.92 -11.26 -14.90
C ASP A 309 -6.86 -12.43 -15.21
N THR A 310 -6.44 -13.64 -14.86
CA THR A 310 -7.29 -14.82 -15.04
C THR A 310 -7.57 -15.56 -13.73
N TYR A 311 -7.09 -14.99 -12.60
CA TYR A 311 -7.31 -15.55 -11.27
C TYR A 311 -8.80 -15.46 -10.95
N TYR A 312 -9.42 -16.62 -10.74
CA TYR A 312 -10.87 -16.75 -10.60
C TYR A 312 -11.63 -16.20 -11.81
N ASN A 313 -11.01 -16.30 -12.99
CA ASN A 313 -11.55 -15.74 -14.26
C ASN A 313 -11.19 -14.27 -14.49
N GLY A 314 -10.66 -13.59 -13.47
CA GLY A 314 -10.31 -12.19 -13.57
C GLY A 314 -11.46 -11.28 -13.15
N ASN A 315 -11.38 -10.77 -11.93
CA ASN A 315 -12.50 -10.04 -11.34
C ASN A 315 -12.12 -8.72 -10.70
N PRO A 316 -13.11 -7.83 -10.49
CA PRO A 316 -12.94 -6.70 -9.59
C PRO A 316 -12.46 -7.16 -8.21
N TRP A 317 -11.58 -6.36 -7.59
CA TRP A 317 -11.18 -6.59 -6.20
C TRP A 317 -11.62 -5.42 -5.32
N PHE A 318 -12.08 -5.71 -4.12
CA PHE A 318 -12.47 -4.65 -3.19
C PHE A 318 -11.32 -3.67 -2.95
N LEU A 319 -10.16 -4.20 -2.57
CA LEU A 319 -9.01 -3.33 -2.27
C LEU A 319 -8.55 -2.48 -3.47
N CYS A 320 -8.71 -2.99 -4.69
CA CYS A 320 -8.34 -2.23 -5.90
C CYS A 320 -9.35 -1.13 -6.23
N THR A 321 -10.64 -1.42 -6.03
CA THR A 321 -11.67 -0.40 -6.19
C THR A 321 -11.52 0.70 -5.14
N LEU A 322 -11.16 0.31 -3.92
CA LEU A 322 -10.93 1.29 -2.85
C LEU A 322 -9.69 2.14 -3.09
N ALA A 323 -8.65 1.54 -3.67
CA ALA A 323 -7.43 2.27 -4.05
C ALA A 323 -7.73 3.38 -5.08
N ALA A 324 -8.58 3.09 -6.05
CA ALA A 324 -9.01 4.10 -7.02
C ALA A 324 -9.68 5.30 -6.32
N ALA A 325 -10.55 5.02 -5.35
CA ALA A 325 -11.14 6.07 -4.51
C ALA A 325 -10.09 6.80 -3.66
N GLU A 326 -9.22 6.06 -2.99
CA GLU A 326 -8.24 6.65 -2.07
C GLU A 326 -7.27 7.64 -2.74
N GLN A 327 -6.80 7.33 -3.94
CA GLN A 327 -5.86 8.23 -4.63
C GLN A 327 -6.52 9.58 -4.88
N LEU A 328 -7.79 9.53 -5.27
CA LEU A 328 -8.59 10.75 -5.50
C LEU A 328 -8.83 11.55 -4.22
N TYR A 329 -9.21 10.88 -3.13
CA TYR A 329 -9.31 11.55 -1.82
C TYR A 329 -7.98 12.20 -1.40
N ASP A 330 -6.87 11.51 -1.67
CA ASP A 330 -5.51 12.03 -1.41
C ASP A 330 -5.24 13.28 -2.25
N ALA A 331 -5.58 13.21 -3.53
CA ALA A 331 -5.43 14.39 -4.42
C ALA A 331 -6.24 15.59 -3.93
N LEU A 332 -7.47 15.35 -3.49
CA LEU A 332 -8.35 16.39 -2.96
C LEU A 332 -7.74 17.09 -1.75
N TYR A 333 -7.16 16.30 -0.85
CA TYR A 333 -6.50 16.83 0.34
C TYR A 333 -5.31 17.73 -0.03
N GLN A 334 -4.50 17.26 -0.97
CA GLN A 334 -3.32 18.01 -1.44
C GLN A 334 -3.71 19.30 -2.14
N TRP A 335 -4.66 19.22 -3.07
CA TRP A 335 -5.14 20.42 -3.77
C TRP A 335 -5.66 21.49 -2.79
N ASP A 336 -6.42 21.05 -1.78
CA ASP A 336 -6.92 21.94 -0.74
C ASP A 336 -5.82 22.55 0.14
N LYS A 337 -4.85 21.73 0.54
CA LYS A 337 -3.72 22.21 1.33
C LYS A 337 -2.89 23.24 0.56
N GLN A 338 -2.64 22.96 -0.72
CA GLN A 338 -1.92 23.86 -1.63
C GLN A 338 -2.67 25.16 -1.92
N GLY A 339 -4.00 25.06 -1.97
CA GLY A 339 -4.86 26.16 -2.34
C GLY A 339 -4.97 26.33 -3.85
N SER A 340 -4.66 25.27 -4.59
CA SER A 340 -4.72 25.30 -6.05
C SER A 340 -4.69 23.91 -6.68
N LEU A 341 -5.06 23.87 -7.96
CA LEU A 341 -5.11 22.67 -8.76
C LEU A 341 -4.57 23.00 -10.15
N GLU A 342 -3.83 22.07 -10.76
CA GLU A 342 -3.27 22.28 -12.10
C GLU A 342 -3.74 21.21 -13.10
N VAL A 343 -4.10 21.66 -14.29
CA VAL A 343 -4.39 20.79 -15.42
C VAL A 343 -3.23 20.90 -16.42
N THR A 344 -2.59 19.77 -16.72
CA THR A 344 -1.45 19.75 -17.64
C THR A 344 -1.79 18.93 -18.87
N ASP A 345 -0.91 18.94 -19.88
CA ASP A 345 -1.11 18.12 -21.06
C ASP A 345 -1.17 16.63 -20.69
N VAL A 346 -0.28 16.22 -19.78
CA VAL A 346 -0.25 14.85 -19.26
C VAL A 346 -1.58 14.44 -18.59
N SER A 347 -2.11 15.31 -17.74
CA SER A 347 -3.31 15.00 -16.95
C SER A 347 -4.63 15.46 -17.56
N LEU A 348 -4.57 16.13 -18.72
CA LEU A 348 -5.77 16.67 -19.37
C LEU A 348 -6.88 15.64 -19.58
N ASP A 349 -6.55 14.45 -20.08
CA ASP A 349 -7.57 13.43 -20.35
C ASP A 349 -8.32 12.98 -19.09
N PHE A 350 -7.58 12.90 -17.97
CA PHE A 350 -8.17 12.58 -16.68
C PHE A 350 -9.24 13.62 -16.32
N PHE A 351 -8.85 14.90 -16.41
CA PHE A 351 -9.74 15.99 -16.02
C PHE A 351 -10.93 16.14 -16.97
N LYS A 352 -10.65 16.07 -18.27
CA LYS A 352 -11.67 16.22 -19.32
C LYS A 352 -12.84 15.23 -19.18
N ALA A 353 -12.53 14.00 -18.78
CA ALA A 353 -13.54 12.96 -18.64
C ALA A 353 -14.55 13.26 -17.53
N LEU A 354 -14.09 14.00 -16.52
CA LEU A 354 -14.90 14.33 -15.34
C LEU A 354 -15.50 15.74 -15.42
N TYR A 355 -14.81 16.62 -16.14
CA TYR A 355 -15.23 18.01 -16.32
C TYR A 355 -14.91 18.42 -17.76
N SER A 356 -15.94 18.39 -18.60
CA SER A 356 -15.84 18.57 -20.06
C SER A 356 -15.11 19.84 -20.53
N ASP A 357 -15.15 20.88 -19.70
CA ASP A 357 -14.55 22.17 -20.07
C ASP A 357 -13.11 22.33 -19.57
N ALA A 358 -12.55 21.25 -19.00
CA ALA A 358 -11.17 21.27 -18.51
C ALA A 358 -10.18 21.76 -19.57
N ALA A 359 -9.25 22.59 -19.14
CA ALA A 359 -8.20 23.13 -20.01
C ALA A 359 -6.92 23.33 -19.21
N THR A 360 -5.77 23.19 -19.86
CA THR A 360 -4.49 23.33 -19.19
C THR A 360 -4.36 24.68 -18.50
N GLY A 361 -3.82 24.66 -17.28
CA GLY A 361 -3.70 25.87 -16.47
C GLY A 361 -3.75 25.61 -14.98
N THR A 362 -3.66 26.69 -14.20
CA THR A 362 -3.63 26.63 -12.75
C THR A 362 -4.85 27.37 -12.18
N TYR A 363 -5.60 26.68 -11.32
CA TYR A 363 -6.85 27.22 -10.79
C TYR A 363 -6.82 27.24 -9.25
N SER A 364 -6.94 28.44 -8.70
CA SER A 364 -6.88 28.68 -7.25
C SER A 364 -8.07 28.07 -6.51
N SER A 365 -7.87 27.70 -5.25
CA SER A 365 -8.94 27.08 -4.46
C SER A 365 -10.13 28.03 -4.27
N SER A 366 -9.84 29.32 -4.27
CA SER A 366 -10.87 30.35 -4.27
C SER A 366 -11.62 30.44 -5.60
N SER A 367 -11.03 29.90 -6.66
CA SER A 367 -11.56 30.09 -8.02
C SER A 367 -12.77 29.22 -8.33
N SER A 368 -13.53 29.63 -9.34
CA SER A 368 -14.73 28.93 -9.78
C SER A 368 -14.44 27.57 -10.42
N THR A 369 -13.43 27.52 -11.29
CA THR A 369 -13.08 26.30 -12.04
C THR A 369 -12.66 25.18 -11.10
N TYR A 370 -11.89 25.53 -10.08
CA TYR A 370 -11.45 24.62 -9.02
C TYR A 370 -12.66 23.94 -8.38
N SER A 371 -13.67 24.74 -8.03
CA SER A 371 -14.88 24.23 -7.39
C SER A 371 -15.56 23.16 -8.21
N SER A 372 -15.72 23.39 -9.51
CA SER A 372 -16.36 22.41 -10.39
C SER A 372 -15.55 21.12 -10.51
N ILE A 373 -14.22 21.24 -10.55
CA ILE A 373 -13.35 20.08 -10.72
C ILE A 373 -13.32 19.23 -9.45
N VAL A 374 -13.08 19.86 -8.30
CA VAL A 374 -13.01 19.12 -7.03
C VAL A 374 -14.35 18.44 -6.72
N ASP A 375 -15.44 19.08 -7.12
CA ASP A 375 -16.79 18.54 -6.93
C ASP A 375 -16.97 17.28 -7.76
N ALA A 376 -16.55 17.35 -9.03
CA ALA A 376 -16.59 16.20 -9.91
C ALA A 376 -15.67 15.09 -9.41
N VAL A 377 -14.45 15.45 -9.00
CA VAL A 377 -13.48 14.47 -8.49
C VAL A 377 -14.03 13.74 -7.25
N LYS A 378 -14.61 14.52 -6.33
CA LYS A 378 -15.21 13.98 -5.11
C LYS A 378 -16.35 12.99 -5.41
N THR A 379 -17.23 13.37 -6.35
CA THR A 379 -18.34 12.52 -6.77
C THR A 379 -17.85 11.20 -7.41
N PHE A 380 -16.82 11.32 -8.25
CA PHE A 380 -16.18 10.18 -8.92
C PHE A 380 -15.60 9.20 -7.89
N ALA A 381 -14.79 9.71 -6.97
CA ALA A 381 -14.20 8.93 -5.87
C ALA A 381 -15.28 8.24 -5.03
N ASP A 382 -16.33 9.00 -4.66
CA ASP A 382 -17.48 8.45 -3.94
C ASP A 382 -18.15 7.33 -4.71
N GLY A 383 -18.14 7.45 -6.04
CA GLY A 383 -18.69 6.43 -6.94
C GLY A 383 -18.04 5.07 -6.76
N PHE A 384 -16.72 5.04 -6.57
CA PHE A 384 -15.98 3.80 -6.34
C PHE A 384 -16.39 3.15 -5.01
N VAL A 385 -16.49 3.98 -3.97
CA VAL A 385 -16.86 3.50 -2.62
C VAL A 385 -18.28 2.92 -2.63
N SER A 386 -19.20 3.59 -3.35
CA SER A 386 -20.57 3.11 -3.53
C SER A 386 -20.66 1.73 -4.17
N ILE A 387 -19.79 1.47 -5.15
CA ILE A 387 -19.72 0.16 -5.79
C ILE A 387 -19.29 -0.90 -4.76
N VAL A 388 -18.26 -0.59 -3.98
CA VAL A 388 -17.83 -1.43 -2.87
C VAL A 388 -18.99 -1.70 -1.90
N GLU A 389 -19.72 -0.65 -1.54
CA GLU A 389 -20.84 -0.74 -0.59
C GLU A 389 -21.94 -1.65 -1.14
N THR A 390 -22.20 -1.52 -2.44
CA THR A 390 -23.17 -2.34 -3.14
C THR A 390 -22.85 -3.84 -3.04
N HIS A 391 -21.56 -4.18 -2.96
CA HIS A 391 -21.17 -5.59 -3.06
C HIS A 391 -20.61 -6.22 -1.78
N ALA A 392 -20.44 -5.40 -0.76
CA ALA A 392 -20.14 -5.91 0.59
C ALA A 392 -21.39 -6.64 1.10
N ALA A 393 -21.21 -7.64 1.96
CA ALA A 393 -22.35 -8.36 2.54
C ALA A 393 -23.18 -7.43 3.43
N SER A 394 -24.43 -7.81 3.67
CA SER A 394 -25.33 -7.00 4.51
C SER A 394 -24.75 -6.78 5.93
N ASN A 395 -23.98 -7.73 6.44
CA ASN A 395 -23.28 -7.56 7.73
C ASN A 395 -21.91 -6.86 7.62
N GLY A 396 -21.58 -6.41 6.42
CA GLY A 396 -20.34 -5.67 6.17
C GLY A 396 -19.14 -6.50 5.74
N SER A 397 -19.30 -7.82 5.63
CA SER A 397 -18.21 -8.69 5.20
C SER A 397 -17.72 -8.32 3.80
N MET A 398 -16.39 -8.36 3.62
CA MET A 398 -15.77 -8.20 2.32
C MET A 398 -14.76 -9.32 2.06
N SER A 399 -14.99 -10.01 0.95
CA SER A 399 -14.06 -11.01 0.43
CA SER A 399 -14.05 -11.00 0.44
C SER A 399 -12.88 -10.33 -0.28
N GLU A 400 -12.08 -11.11 -0.99
CA GLU A 400 -11.01 -10.56 -1.81
C GLU A 400 -11.61 -9.95 -3.08
N GLN A 401 -12.55 -10.68 -3.68
CA GLN A 401 -13.09 -10.31 -4.99
C GLN A 401 -14.62 -10.23 -4.99
N TYR A 402 -15.13 -9.51 -5.99
CA TYR A 402 -16.55 -9.57 -6.33
C TYR A 402 -16.69 -9.79 -7.83
N ASP A 403 -17.76 -10.50 -8.22
CA ASP A 403 -17.85 -11.09 -9.54
C ASP A 403 -17.95 -10.08 -10.69
N LYS A 404 -17.18 -10.36 -11.75
CA LYS A 404 -17.12 -9.51 -12.95
C LYS A 404 -18.46 -9.28 -13.66
N SER A 405 -19.38 -10.25 -13.54
CA SER A 405 -20.70 -10.16 -14.15
C SER A 405 -21.77 -9.73 -13.15
N ASP A 406 -21.85 -10.40 -12.00
CA ASP A 406 -22.95 -10.20 -11.05
C ASP A 406 -22.59 -9.61 -9.68
N GLY A 407 -21.30 -9.31 -9.47
CA GLY A 407 -20.86 -8.68 -8.22
C GLY A 407 -20.92 -9.54 -6.97
N GLU A 408 -21.27 -10.81 -7.13
CA GLU A 408 -21.27 -11.78 -6.02
C GLU A 408 -19.84 -11.96 -5.49
N GLN A 409 -19.70 -12.05 -4.17
CA GLN A 409 -18.38 -12.19 -3.55
C GLN A 409 -17.75 -13.55 -3.90
N LEU A 410 -16.46 -13.54 -4.16
CA LEU A 410 -15.73 -14.79 -4.43
C LEU A 410 -14.28 -14.73 -3.96
N SER A 411 -13.58 -15.85 -4.12
CA SER A 411 -12.25 -16.05 -3.53
C SER A 411 -12.32 -15.97 -2.00
N ALA A 412 -11.20 -15.61 -1.35
CA ALA A 412 -11.09 -15.68 0.11
C ALA A 412 -12.07 -14.75 0.85
N ARG A 413 -12.85 -15.32 1.76
CA ARG A 413 -13.79 -14.53 2.56
C ARG A 413 -13.06 -13.68 3.58
N ASP A 414 -13.64 -12.53 3.93
CA ASP A 414 -13.16 -11.75 5.07
C ASP A 414 -11.66 -11.46 4.96
N LEU A 415 -11.27 -10.91 3.82
CA LEU A 415 -9.87 -10.62 3.56
C LEU A 415 -9.45 -9.40 4.38
N THR A 416 -8.49 -9.61 5.28
CA THR A 416 -8.01 -8.56 6.20
C THR A 416 -7.63 -7.29 5.43
N TRP A 417 -6.92 -7.47 4.31
CA TRP A 417 -6.48 -6.33 3.50
C TRP A 417 -7.67 -5.57 2.90
N SER A 418 -8.76 -6.25 2.56
CA SER A 418 -9.98 -5.53 2.14
C SER A 418 -10.48 -4.58 3.26
N TYR A 419 -10.45 -5.06 4.49
CA TYR A 419 -10.89 -4.24 5.63
C TYR A 419 -9.99 -3.03 5.85
N ALA A 420 -8.68 -3.24 5.75
CA ALA A 420 -7.69 -2.16 5.91
C ALA A 420 -7.85 -1.09 4.82
N ALA A 421 -8.07 -1.54 3.58
CA ALA A 421 -8.32 -0.62 2.47
C ALA A 421 -9.55 0.26 2.69
N LEU A 422 -10.59 -0.32 3.28
CA LEU A 422 -11.81 0.41 3.57
CA LEU A 422 -11.80 0.41 3.57
C LEU A 422 -11.53 1.51 4.58
N LEU A 423 -10.84 1.15 5.67
CA LEU A 423 -10.49 2.08 6.74
C LEU A 423 -9.62 3.23 6.26
N THR A 424 -8.63 2.92 5.40
CA THR A 424 -7.77 3.99 4.86
C THR A 424 -8.53 4.90 3.88
N ALA A 425 -9.34 4.29 3.01
CA ALA A 425 -10.12 5.08 2.03
C ALA A 425 -11.09 6.02 2.74
N ASN A 426 -11.83 5.47 3.70
CA ASN A 426 -12.74 6.26 4.54
C ASN A 426 -12.03 7.40 5.29
N ASN A 427 -10.87 7.12 5.89
CA ASN A 427 -10.06 8.15 6.55
C ASN A 427 -9.71 9.32 5.62
N ARG A 428 -9.16 9.03 4.44
CA ARG A 428 -8.74 10.08 3.51
C ARG A 428 -9.93 10.89 3.01
N ARG A 429 -11.06 10.22 2.84
CA ARG A 429 -12.31 10.90 2.51
C ARG A 429 -12.68 11.92 3.59
N ASN A 430 -12.37 11.59 4.84
CA ASN A 430 -12.61 12.46 5.99
C ASN A 430 -11.45 13.43 6.24
N SER A 431 -10.54 13.57 5.27
CA SER A 431 -9.32 14.38 5.39
C SER A 431 -8.39 13.94 6.54
N VAL A 432 -8.48 12.66 6.93
CA VAL A 432 -7.61 12.12 7.97
C VAL A 432 -6.41 11.47 7.30
N VAL A 433 -5.23 12.02 7.53
CA VAL A 433 -4.01 11.64 6.80
C VAL A 433 -2.96 11.07 7.73
N PRO A 434 -2.03 10.25 7.19
CA PRO A 434 -0.98 9.66 8.03
C PRO A 434 0.16 10.65 8.29
N ALA A 435 1.10 10.26 9.15
CA ALA A 435 2.31 11.04 9.37
C ALA A 435 3.10 11.19 8.06
N SER A 436 3.77 12.32 7.91
CA SER A 436 4.66 12.55 6.78
C SER A 436 5.82 11.56 6.81
N TRP A 437 6.39 11.26 5.65
CA TRP A 437 7.56 10.38 5.61
C TRP A 437 8.86 11.05 5.12
N GLY A 438 8.79 12.35 4.82
CA GLY A 438 9.98 13.12 4.46
C GLY A 438 10.14 13.34 2.96
N GLU A 439 9.08 13.07 2.21
CA GLU A 439 9.06 13.23 0.76
C GLU A 439 9.57 14.59 0.29
N THR A 440 9.29 15.65 1.07
CA THR A 440 9.63 17.03 0.67
C THR A 440 11.14 17.27 0.55
N SER A 441 11.94 16.42 1.21
CA SER A 441 13.39 16.44 1.03
C SER A 441 13.93 15.11 0.48
N ALA A 442 13.09 14.41 -0.28
CA ALA A 442 13.47 13.13 -0.90
C ALA A 442 12.76 12.91 -2.23
N SER A 443 12.67 13.98 -3.03
CA SER A 443 12.04 13.92 -4.35
C SER A 443 13.01 14.36 -5.46
N SER A 444 14.25 14.64 -5.07
CA SER A 444 15.31 15.02 -6.02
C SER A 444 15.90 13.78 -6.70
N VAL A 445 15.77 13.74 -8.03
CA VAL A 445 16.29 12.63 -8.85
C VAL A 445 17.73 12.90 -9.29
N PRO A 446 18.66 11.98 -8.96
CA PRO A 446 20.05 12.07 -9.45
C PRO A 446 20.12 12.17 -10.97
N GLY A 447 21.16 12.85 -11.46
CA GLY A 447 21.34 13.04 -12.91
C GLY A 447 21.59 11.75 -13.64
N THR A 448 22.20 10.79 -12.95
CA THR A 448 22.56 9.49 -13.52
C THR A 448 22.25 8.39 -12.51
N CYS A 449 21.55 7.36 -12.96
CA CYS A 449 21.18 6.26 -12.07
C CYS A 449 22.25 5.17 -12.07
N ALA A 450 22.48 4.58 -10.89
CA ALA A 450 23.48 3.54 -10.71
C ALA A 450 22.83 2.21 -10.33
N ALA A 451 23.23 1.14 -11.01
CA ALA A 451 22.88 -0.22 -10.59
C ALA A 451 23.79 -0.56 -9.41
N THR A 452 23.24 -0.52 -8.20
CA THR A 452 24.07 -0.63 -7.02
C THR A 452 23.34 -1.16 -5.78
N SER A 453 24.08 -1.30 -4.69
CA SER A 453 23.57 -1.74 -3.41
C SER A 453 24.42 -1.11 -2.30
N ALA A 454 23.97 -1.23 -1.06
CA ALA A 454 24.78 -0.92 0.11
C ALA A 454 24.51 -1.97 1.19
N ILE A 455 25.50 -2.22 2.04
CA ILE A 455 25.40 -3.25 3.06
C ILE A 455 25.12 -2.62 4.44
N GLY A 456 24.09 -3.13 5.11
CA GLY A 456 23.78 -2.71 6.47
C GLY A 456 24.21 -3.77 7.47
N THR A 457 23.33 -4.07 8.43
CA THR A 457 23.62 -5.05 9.47
C THR A 457 22.38 -5.88 9.72
N TYR A 458 22.57 -7.18 9.92
CA TYR A 458 21.50 -8.08 10.35
C TYR A 458 21.78 -8.64 11.74
N SER A 459 20.80 -8.54 12.62
CA SER A 459 20.93 -9.09 13.97
C SER A 459 19.60 -9.47 14.59
N SER A 460 19.55 -10.68 15.13
CA SER A 460 18.33 -11.23 15.71
C SER A 460 17.91 -10.57 17.01
N VAL A 461 16.67 -10.11 17.03
CA VAL A 461 16.10 -9.39 18.16
C VAL A 461 15.24 -10.35 18.99
N THR A 462 15.35 -10.21 20.31
CA THR A 462 14.61 -11.03 21.27
C THR A 462 13.85 -10.06 22.17
N VAL A 463 12.55 -10.29 22.32
CA VAL A 463 11.67 -9.35 23.05
C VAL A 463 11.19 -9.89 24.40
#